data_8QX0
#
_entry.id   8QX0
#
_cell.length_a   62.630
_cell.length_b   39.811
_cell.length_c   63.560
_cell.angle_alpha   90.000
_cell.angle_beta   101.500
_cell.angle_gamma   90.000
#
_symmetry.space_group_name_H-M   'P 1 21 1'
#
loop_
_entity.id
_entity.type
_entity.pdbx_description
1 polymer Peroxidase
2 non-polymer 'MANGANESE (II) ION'
3 non-polymer 'PROTOPORPHYRIN IX CONTAINING FE'
4 non-polymer DI(HYDROXYETHYL)ETHER
5 non-polymer GLYCEROL
6 non-polymer 'CALCIUM ION'
7 water water
#
_entity_poly.entity_id   1
_entity_poly.type   'polypeptide(L)'
_entity_poly.pdbx_seq_one_letter_code
;TICADGTSVANGACCKLIPVVKDLTENLFEGECGDAAHGALRLVFHDAIAISPTLGGGGADGSIAVFNATELTFHANTGI
DDVLDAVGPFLLKHSDVMTPGDFIQLAGAVSLTQCNGAPRVKFVMGRPPPKAAAPNLLVPEPFDSVATILQRFGELGFTK
EETVAVIGGSHSVAGADDIVPNEQGIPFDQTPSIFDTQIFVDVQLRGTMIPGNGTTEGEVETAVPGTVRLQSDHLLARDA
STSCIWQSFVNQQSKMAQVFGEAIFKMSLLGQTQSKLIDCSEVIPRAIPFSHGPATLPPGQTLKDIEQACAASPFPTLST
QPGPVTSVPAIPQAD
;
_entity_poly.pdbx_strand_id   A
#
loop_
_chem_comp.id
_chem_comp.type
_chem_comp.name
_chem_comp.formula
CA non-polymer 'CALCIUM ION' 'Ca 2'
GOL non-polymer GLYCEROL 'C3 H8 O3'
HEM non-polymer 'PROTOPORPHYRIN IX CONTAINING FE' 'C34 H32 Fe N4 O4'
MN non-polymer 'MANGANESE (II) ION' 'Mn 2'
PEG non-polymer DI(HYDROXYETHYL)ETHER 'C4 H10 O3'
#
# COMPACT_ATOMS: atom_id res chain seq x y z
N THR A 1 -2.93 -23.07 -21.86
CA THR A 1 -3.45 -22.38 -23.05
C THR A 1 -2.52 -21.20 -23.38
N ILE A 2 -2.21 -21.01 -24.65
CA ILE A 2 -1.39 -19.91 -25.08
C ILE A 2 -2.33 -18.81 -25.60
N CYS A 3 -2.21 -17.65 -24.97
CA CYS A 3 -2.99 -16.48 -25.34
C CYS A 3 -2.44 -15.84 -26.60
N ALA A 4 -3.19 -14.89 -27.13
CA ALA A 4 -2.81 -14.29 -28.41
C ALA A 4 -1.43 -13.65 -28.33
N ASP A 5 -0.96 -13.20 -27.16
CA ASP A 5 0.33 -12.51 -27.02
C ASP A 5 1.48 -13.51 -26.83
N GLY A 6 1.17 -14.80 -26.63
CA GLY A 6 2.21 -15.77 -26.41
C GLY A 6 2.35 -16.22 -24.96
N THR A 7 1.58 -15.60 -24.05
CA THR A 7 1.60 -16.00 -22.66
C THR A 7 0.87 -17.35 -22.49
N SER A 8 1.49 -18.30 -21.77
CA SER A 8 0.85 -19.54 -21.38
C SER A 8 0.14 -19.35 -20.05
N VAL A 9 -1.15 -19.68 -19.98
CA VAL A 9 -1.92 -19.63 -18.75
C VAL A 9 -2.49 -21.01 -18.47
N ALA A 10 -2.68 -21.36 -17.19
CA ALA A 10 -3.34 -22.61 -16.83
C ALA A 10 -4.80 -22.61 -17.27
N ASN A 11 -5.47 -21.45 -17.18
CA ASN A 11 -6.88 -21.37 -17.50
C ASN A 11 -7.12 -20.30 -18.56
N GLY A 12 -7.48 -20.73 -19.75
CA GLY A 12 -7.63 -19.82 -20.86
C GLY A 12 -8.62 -18.67 -20.64
N ALA A 13 -9.50 -18.76 -19.62
CA ALA A 13 -10.37 -17.62 -19.33
C ALA A 13 -9.54 -16.41 -18.91
N CYS A 14 -8.30 -16.63 -18.49
CA CYS A 14 -7.41 -15.55 -18.10
C CYS A 14 -6.93 -14.68 -19.26
N CYS A 15 -6.98 -15.21 -20.50
CA CYS A 15 -6.41 -14.49 -21.64
C CYS A 15 -7.04 -13.12 -21.89
N LYS A 16 -8.33 -13.03 -21.60
CA LYS A 16 -9.05 -11.78 -21.75
C LYS A 16 -8.48 -10.66 -20.86
N LEU A 17 -7.67 -10.97 -19.86
CA LEU A 17 -7.09 -9.95 -19.00
C LEU A 17 -5.77 -9.42 -19.50
N ILE A 18 -5.17 -10.06 -20.51
CA ILE A 18 -3.86 -9.61 -20.99
C ILE A 18 -3.95 -8.19 -21.54
N PRO A 19 -4.99 -7.85 -22.32
CA PRO A 19 -5.07 -6.46 -22.77
C PRO A 19 -5.26 -5.46 -21.63
N VAL A 20 -5.97 -5.86 -20.58
CA VAL A 20 -6.13 -5.00 -19.42
C VAL A 20 -4.77 -4.68 -18.81
N VAL A 21 -3.94 -5.69 -18.62
CA VAL A 21 -2.62 -5.50 -18.04
C VAL A 21 -1.76 -4.57 -18.92
N LYS A 22 -1.81 -4.81 -20.22
CA LYS A 22 -1.10 -3.93 -21.14
C LYS A 22 -1.56 -2.48 -21.04
N ASP A 23 -2.88 -2.27 -21.02
CA ASP A 23 -3.40 -0.93 -20.92
C ASP A 23 -2.96 -0.25 -19.63
N LEU A 24 -2.96 -1.02 -18.52
CA LEU A 24 -2.59 -0.46 -17.23
C LEU A 24 -1.10 -0.05 -17.22
N THR A 25 -0.23 -0.97 -17.70
CA THR A 25 1.19 -0.64 -17.65
C THR A 25 1.53 0.50 -18.62
N GLU A 26 0.93 0.51 -19.81
CA GLU A 26 1.32 1.52 -20.81
C GLU A 26 0.69 2.87 -20.54
N ASN A 27 -0.60 2.87 -20.15
CA ASN A 27 -1.40 4.07 -20.22
C ASN A 27 -1.81 4.63 -18.86
N LEU A 28 -1.87 3.81 -17.79
CA LEU A 28 -2.19 4.33 -16.46
C LEU A 28 -0.89 4.60 -15.72
N PHE A 29 -0.04 3.55 -15.57
CA PHE A 29 1.17 3.71 -14.79
C PHE A 29 2.34 4.27 -15.61
N GLU A 30 2.30 4.03 -16.94
CA GLU A 30 3.33 4.45 -17.91
C GLU A 30 4.68 3.93 -17.47
N GLY A 31 4.70 2.71 -16.93
CA GLY A 31 5.92 2.03 -16.58
C GLY A 31 6.66 2.64 -15.41
N GLU A 32 5.96 3.43 -14.59
CA GLU A 32 6.57 4.16 -13.49
C GLU A 32 5.91 3.85 -12.14
N CYS A 33 6.69 3.98 -11.07
CA CYS A 33 6.18 3.88 -9.70
C CYS A 33 5.92 5.29 -9.18
N GLY A 34 4.90 5.92 -9.77
CA GLY A 34 4.47 7.25 -9.45
C GLY A 34 3.07 7.26 -8.82
N ASP A 35 2.41 8.40 -8.96
CA ASP A 35 1.16 8.59 -8.22
C ASP A 35 0.05 7.65 -8.71
N ALA A 36 0.00 7.36 -10.01
CA ALA A 36 -1.04 6.46 -10.49
C ALA A 36 -0.86 5.09 -9.83
N ALA A 37 0.35 4.61 -9.73
CA ALA A 37 0.67 3.33 -9.09
C ALA A 37 0.31 3.44 -7.61
N HIS A 38 0.69 4.50 -6.92
CA HIS A 38 0.38 4.62 -5.51
C HIS A 38 -1.14 4.59 -5.31
N GLY A 39 -1.89 5.28 -6.17
CA GLY A 39 -3.31 5.31 -6.02
C GLY A 39 -3.93 3.92 -6.20
N ALA A 40 -3.48 3.19 -7.21
CA ALA A 40 -3.99 1.83 -7.44
C ALA A 40 -3.71 0.95 -6.22
N LEU A 41 -2.50 1.06 -5.64
CA LEU A 41 -2.20 0.28 -4.44
C LEU A 41 -3.09 0.69 -3.27
N ARG A 42 -3.25 1.99 -2.98
CA ARG A 42 -4.12 2.44 -1.91
C ARG A 42 -5.51 1.87 -2.11
N LEU A 43 -5.99 1.87 -3.38
CA LEU A 43 -7.36 1.47 -3.66
C LEU A 43 -7.61 0.01 -3.25
N VAL A 44 -6.59 -0.85 -3.34
CA VAL A 44 -6.71 -2.21 -2.86
C VAL A 44 -7.16 -2.23 -1.41
N PHE A 45 -6.46 -1.44 -0.57
CA PHE A 45 -6.79 -1.37 0.85
C PHE A 45 -8.19 -0.85 1.09
N HIS A 46 -8.53 0.31 0.52
CA HIS A 46 -9.79 0.94 0.81
C HIS A 46 -10.99 0.13 0.30
N ASP A 47 -10.77 -0.61 -0.78
CA ASP A 47 -11.79 -1.55 -1.19
C ASP A 47 -11.87 -2.74 -0.24
N ALA A 48 -10.74 -3.43 -0.04
CA ALA A 48 -10.76 -4.76 0.55
C ALA A 48 -10.96 -4.75 2.07
N ILE A 49 -10.37 -3.78 2.77
CA ILE A 49 -10.38 -3.84 4.24
C ILE A 49 -11.75 -3.53 4.80
N ALA A 50 -12.66 -2.98 3.99
CA ALA A 50 -13.95 -2.50 4.46
C ALA A 50 -14.92 -3.66 4.54
N ILE A 51 -14.61 -4.50 5.53
CA ILE A 51 -15.40 -5.69 5.87
C ILE A 51 -15.17 -5.96 7.36
N SER A 52 -16.26 -6.36 8.02
CA SER A 52 -16.19 -6.71 9.43
C SER A 52 -17.05 -7.93 9.64
N PRO A 53 -16.58 -8.83 10.53
CA PRO A 53 -17.42 -9.98 10.85
C PRO A 53 -18.80 -9.65 11.41
N THR A 54 -18.92 -8.55 12.16
CA THR A 54 -20.15 -8.19 12.83
C THR A 54 -20.86 -7.04 12.13
N LEU A 55 -20.13 -6.12 11.49
CA LEU A 55 -20.79 -4.92 10.96
C LEU A 55 -21.08 -5.01 9.47
N GLY A 56 -20.50 -5.97 8.76
CA GLY A 56 -20.78 -6.16 7.35
C GLY A 56 -19.71 -5.55 6.44
N GLY A 57 -20.16 -5.25 5.21
CA GLY A 57 -19.23 -4.97 4.12
C GLY A 57 -18.84 -6.21 3.34
N GLY A 58 -18.61 -6.05 2.03
CA GLY A 58 -18.29 -7.17 1.17
C GLY A 58 -16.80 -7.42 0.98
N GLY A 59 -15.94 -6.53 1.43
CA GLY A 59 -14.51 -6.77 1.28
C GLY A 59 -13.98 -6.39 -0.11
N ALA A 60 -13.22 -7.28 -0.72
CA ALA A 60 -12.59 -7.07 -2.03
C ALA A 60 -13.66 -7.30 -3.09
N ASP A 61 -14.57 -6.36 -3.23
CA ASP A 61 -15.78 -6.55 -4.01
C ASP A 61 -15.99 -5.43 -5.04
N GLY A 62 -15.11 -4.44 -5.11
CA GLY A 62 -15.32 -3.32 -6.00
C GLY A 62 -16.29 -2.26 -5.51
N SER A 63 -16.75 -2.38 -4.24
CA SER A 63 -17.75 -1.47 -3.71
C SER A 63 -17.26 -0.04 -3.71
N ILE A 64 -16.01 0.21 -3.43
CA ILE A 64 -15.46 1.55 -3.36
C ILE A 64 -15.66 2.28 -4.69
N ALA A 65 -15.62 1.53 -5.81
CA ALA A 65 -15.89 2.15 -7.11
C ALA A 65 -17.38 2.18 -7.46
N VAL A 66 -18.08 1.06 -7.37
CA VAL A 66 -19.48 0.97 -7.76
C VAL A 66 -20.32 1.91 -6.91
N PHE A 67 -20.06 1.88 -5.59
CA PHE A 67 -20.81 2.63 -4.59
C PHE A 67 -20.00 3.81 -4.08
N ASN A 68 -19.19 4.42 -4.94
CA ASN A 68 -18.40 5.56 -4.53
C ASN A 68 -19.29 6.70 -4.06
N ALA A 69 -20.51 6.80 -4.59
CA ALA A 69 -21.36 7.91 -4.17
C ALA A 69 -21.55 7.87 -2.65
N THR A 70 -21.56 6.68 -2.04
CA THR A 70 -21.69 6.51 -0.60
C THR A 70 -20.30 6.49 0.03
N GLU A 71 -19.41 5.60 -0.46
CA GLU A 71 -18.17 5.38 0.26
C GLU A 71 -17.27 6.63 0.27
N LEU A 72 -17.37 7.50 -0.74
CA LEU A 72 -16.53 8.70 -0.75
C LEU A 72 -17.06 9.75 0.21
N THR A 73 -18.18 9.52 0.90
CA THR A 73 -18.64 10.41 1.97
C THR A 73 -17.92 10.07 3.27
N PHE A 74 -17.18 8.96 3.34
CA PHE A 74 -16.58 8.52 4.57
C PHE A 74 -15.22 9.19 4.78
N HIS A 75 -14.97 9.67 5.99
CA HIS A 75 -13.78 10.45 6.24
C HIS A 75 -12.54 9.65 5.88
N ALA A 76 -12.54 8.34 6.17
CA ALA A 76 -11.33 7.58 5.94
C ALA A 76 -10.97 7.44 4.45
N ASN A 77 -11.93 7.71 3.58
CA ASN A 77 -11.73 7.62 2.13
C ASN A 77 -11.38 8.96 1.51
N THR A 78 -10.94 9.91 2.34
CA THR A 78 -10.50 11.19 1.79
C THR A 78 -9.41 10.93 0.74
N GLY A 79 -9.52 11.59 -0.41
CA GLY A 79 -8.52 11.47 -1.45
C GLY A 79 -8.74 10.30 -2.43
N ILE A 80 -9.60 9.36 -2.09
CA ILE A 80 -9.96 8.27 -2.99
C ILE A 80 -10.70 8.83 -4.21
N ASP A 81 -11.39 9.95 -4.06
CA ASP A 81 -11.97 10.60 -5.24
C ASP A 81 -10.91 10.85 -6.30
N ASP A 82 -9.75 11.39 -5.90
CA ASP A 82 -8.73 11.71 -6.88
C ASP A 82 -8.11 10.45 -7.46
N VAL A 83 -7.94 9.41 -6.63
CA VAL A 83 -7.49 8.13 -7.15
C VAL A 83 -8.45 7.62 -8.22
N LEU A 84 -9.73 7.63 -7.94
CA LEU A 84 -10.74 7.14 -8.89
C LEU A 84 -10.79 8.01 -10.15
N ASP A 85 -10.41 9.28 -10.05
CA ASP A 85 -10.42 10.10 -11.26
C ASP A 85 -9.37 9.52 -12.22
N ALA A 86 -8.25 9.00 -11.70
CA ALA A 86 -7.23 8.43 -12.58
C ALA A 86 -7.51 6.96 -12.93
N VAL A 87 -7.89 6.14 -11.96
CA VAL A 87 -8.00 4.71 -12.13
C VAL A 87 -9.37 4.34 -12.68
N GLY A 88 -10.42 5.07 -12.28
CA GLY A 88 -11.81 4.73 -12.60
C GLY A 88 -12.09 4.62 -14.11
N PRO A 89 -11.51 5.49 -14.96
CA PRO A 89 -11.73 5.36 -16.43
C PRO A 89 -11.29 4.00 -16.95
N PHE A 90 -10.16 3.50 -16.41
CA PHE A 90 -9.65 2.20 -16.79
C PHE A 90 -10.56 1.09 -16.26
N LEU A 91 -11.08 1.23 -15.04
CA LEU A 91 -11.99 0.24 -14.52
C LEU A 91 -13.25 0.13 -15.40
N LEU A 92 -13.82 1.26 -15.75
CA LEU A 92 -14.96 1.29 -16.63
C LEU A 92 -14.69 0.70 -18.01
N LYS A 93 -13.57 1.09 -18.61
CA LYS A 93 -13.32 0.60 -19.97
C LYS A 93 -13.05 -0.89 -20.01
N HIS A 94 -12.67 -1.50 -18.87
CA HIS A 94 -12.43 -2.95 -18.83
C HIS A 94 -13.54 -3.72 -18.09
N SER A 95 -14.68 -3.08 -17.88
CA SER A 95 -15.80 -3.68 -17.16
CA SER A 95 -15.81 -3.66 -17.18
C SER A 95 -16.53 -4.71 -18.04
N ASP A 96 -16.12 -4.87 -19.31
CA ASP A 96 -16.66 -5.93 -20.18
C ASP A 96 -16.08 -7.27 -19.85
N VAL A 97 -14.87 -7.35 -19.28
CA VAL A 97 -14.19 -8.61 -19.06
C VAL A 97 -14.01 -8.95 -17.59
N MET A 98 -14.23 -8.00 -16.68
CA MET A 98 -14.02 -8.38 -15.29
C MET A 98 -14.83 -7.44 -14.42
N THR A 99 -15.15 -8.02 -13.28
CA THR A 99 -15.88 -7.33 -12.22
C THR A 99 -14.98 -6.24 -11.62
N PRO A 100 -15.60 -5.26 -10.96
CA PRO A 100 -14.81 -4.19 -10.37
C PRO A 100 -13.91 -4.65 -9.24
N GLY A 101 -14.33 -5.65 -8.46
CA GLY A 101 -13.45 -6.15 -7.41
C GLY A 101 -12.21 -6.78 -8.03
N ASP A 102 -12.42 -7.58 -9.09
CA ASP A 102 -11.28 -8.17 -9.79
C ASP A 102 -10.36 -7.11 -10.39
N PHE A 103 -10.95 -6.09 -11.00
CA PHE A 103 -10.16 -5.03 -11.58
C PHE A 103 -9.27 -4.35 -10.53
N ILE A 104 -9.84 -4.01 -9.39
CA ILE A 104 -9.07 -3.30 -8.39
C ILE A 104 -7.88 -4.13 -7.93
N GLN A 105 -8.08 -5.44 -7.71
CA GLN A 105 -6.98 -6.28 -7.29
C GLN A 105 -5.93 -6.44 -8.40
N LEU A 106 -6.36 -6.55 -9.66
CA LEU A 106 -5.44 -6.65 -10.79
C LEU A 106 -4.61 -5.38 -10.86
N ALA A 107 -5.27 -4.22 -10.81
CA ALA A 107 -4.56 -2.96 -10.93
C ALA A 107 -3.53 -2.80 -9.81
N GLY A 108 -3.84 -3.18 -8.58
CA GLY A 108 -2.87 -3.13 -7.51
C GLY A 108 -1.70 -4.07 -7.73
N ALA A 109 -1.98 -5.30 -8.15
CA ALA A 109 -0.92 -6.26 -8.45
C ALA A 109 0.01 -5.75 -9.55
N VAL A 110 -0.58 -5.15 -10.61
CA VAL A 110 0.23 -4.63 -11.71
C VAL A 110 0.99 -3.38 -11.25
N SER A 111 0.40 -2.58 -10.37
CA SER A 111 1.05 -1.38 -9.89
C SER A 111 2.36 -1.74 -9.17
N LEU A 112 2.36 -2.80 -8.39
CA LEU A 112 3.52 -3.18 -7.60
C LEU A 112 4.70 -3.50 -8.53
N THR A 113 4.42 -4.17 -9.67
CA THR A 113 5.44 -4.57 -10.64
C THR A 113 6.07 -3.36 -11.31
N GLN A 114 5.56 -2.13 -11.11
CA GLN A 114 6.17 -0.94 -11.67
C GLN A 114 7.20 -0.35 -10.70
N CYS A 115 7.35 -0.94 -9.51
CA CYS A 115 8.16 -0.40 -8.44
C CYS A 115 9.35 -1.30 -8.14
N ASN A 116 10.58 -0.72 -8.14
CA ASN A 116 11.81 -1.44 -7.89
C ASN A 116 11.72 -2.13 -6.55
N GLY A 117 11.88 -3.44 -6.54
CA GLY A 117 11.95 -4.23 -5.32
C GLY A 117 10.62 -4.84 -4.88
N ALA A 118 9.47 -4.37 -5.44
CA ALA A 118 8.17 -4.84 -4.95
C ALA A 118 7.89 -6.24 -5.48
N PRO A 119 7.18 -7.09 -4.73
CA PRO A 119 6.94 -8.45 -5.19
C PRO A 119 5.94 -8.55 -6.33
N ARG A 120 6.09 -9.58 -7.16
CA ARG A 120 4.99 -10.08 -7.97
C ARG A 120 4.05 -10.92 -7.10
N VAL A 121 2.81 -10.50 -7.06
CA VAL A 121 1.85 -11.17 -6.20
C VAL A 121 1.06 -12.16 -7.02
N LYS A 122 0.49 -13.16 -6.34
CA LYS A 122 -0.51 -14.03 -6.93
C LYS A 122 -1.77 -13.22 -7.25
N PHE A 123 -2.53 -13.66 -8.25
CA PHE A 123 -3.76 -12.98 -8.66
C PHE A 123 -4.78 -14.03 -9.04
N VAL A 124 -5.97 -13.94 -8.47
CA VAL A 124 -7.09 -14.75 -8.87
C VAL A 124 -8.21 -13.87 -9.34
N MET A 125 -9.12 -14.44 -10.14
CA MET A 125 -10.29 -13.72 -10.60
C MET A 125 -11.55 -14.48 -10.22
N GLY A 126 -12.68 -13.83 -10.34
CA GLY A 126 -13.97 -14.50 -10.12
C GLY A 126 -14.77 -13.83 -9.00
N ARG A 127 -14.34 -12.65 -8.54
CA ARG A 127 -15.12 -12.00 -7.46
C ARG A 127 -16.44 -11.50 -8.00
N PRO A 128 -17.60 -11.76 -7.37
CA PRO A 128 -18.85 -11.30 -7.92
C PRO A 128 -18.99 -9.79 -7.79
N PRO A 129 -19.88 -9.16 -8.53
CA PRO A 129 -20.16 -7.74 -8.34
C PRO A 129 -20.64 -7.43 -6.93
N PRO A 130 -20.36 -6.21 -6.43
CA PRO A 130 -20.72 -5.86 -5.05
C PRO A 130 -22.23 -5.69 -4.89
N LYS A 131 -22.70 -5.95 -3.68
CA LYS A 131 -24.13 -5.85 -3.34
C LYS A 131 -24.52 -4.48 -2.79
N ALA A 132 -23.63 -3.89 -1.99
CA ALA A 132 -23.92 -2.66 -1.29
C ALA A 132 -22.62 -1.98 -0.91
N ALA A 133 -22.71 -0.69 -0.63
CA ALA A 133 -21.60 0.04 -0.02
C ALA A 133 -21.16 -0.66 1.26
N ALA A 134 -19.89 -0.54 1.56
CA ALA A 134 -19.38 -0.86 2.89
C ALA A 134 -20.05 0.06 3.90
N PRO A 135 -20.29 -0.42 5.13
CA PRO A 135 -20.50 0.48 6.27
C PRO A 135 -19.31 1.42 6.43
N ASN A 136 -19.61 2.59 7.02
CA ASN A 136 -18.57 3.52 7.44
C ASN A 136 -17.83 2.93 8.64
N LEU A 137 -16.62 3.48 8.87
CA LEU A 137 -15.79 3.24 10.05
C LEU A 137 -15.06 1.91 9.94
N LEU A 138 -14.98 1.31 8.75
CA LEU A 138 -14.25 0.06 8.58
C LEU A 138 -12.86 0.24 7.97
N VAL A 139 -12.57 1.44 7.49
CA VAL A 139 -11.22 1.68 7.03
C VAL A 139 -10.45 2.35 8.15
N PRO A 140 -9.37 1.75 8.65
CA PRO A 140 -8.58 2.40 9.69
C PRO A 140 -8.12 3.80 9.32
N GLU A 141 -8.08 4.64 10.36
CA GLU A 141 -7.63 6.03 10.27
C GLU A 141 -6.27 6.16 10.89
N PRO A 142 -5.50 7.21 10.50
CA PRO A 142 -4.16 7.42 10.99
C PRO A 142 -4.11 7.82 12.47
N PHE A 143 -5.27 8.17 13.06
CA PHE A 143 -5.39 8.46 14.48
C PHE A 143 -5.93 7.28 15.27
N ASP A 144 -6.16 6.12 14.66
CA ASP A 144 -6.55 4.95 15.41
C ASP A 144 -5.38 4.39 16.22
N SER A 145 -5.69 3.85 17.41
CA SER A 145 -4.68 3.27 18.27
C SER A 145 -4.15 1.98 17.64
N VAL A 146 -2.99 1.52 18.12
CA VAL A 146 -2.46 0.22 17.72
C VAL A 146 -3.41 -0.89 18.11
N ALA A 147 -4.05 -0.80 19.28
CA ALA A 147 -4.97 -1.86 19.64
C ALA A 147 -6.14 -1.90 18.66
N THR A 148 -6.66 -0.75 18.25
CA THR A 148 -7.75 -0.71 17.28
C THR A 148 -7.34 -1.31 15.93
N ILE A 149 -6.12 -0.97 15.44
CA ILE A 149 -5.60 -1.43 14.17
C ILE A 149 -5.46 -2.93 14.23
N LEU A 150 -4.85 -3.41 15.31
CA LEU A 150 -4.60 -4.85 15.41
C LEU A 150 -5.89 -5.61 15.55
N GLN A 151 -6.91 -5.09 16.22
CA GLN A 151 -8.22 -5.76 16.30
C GLN A 151 -8.84 -5.86 14.89
N ARG A 152 -8.78 -4.77 14.12
CA ARG A 152 -9.37 -4.80 12.77
C ARG A 152 -8.64 -5.79 11.84
N PHE A 153 -7.33 -5.70 11.72
CA PHE A 153 -6.61 -6.64 10.89
C PHE A 153 -6.70 -8.05 11.46
N GLY A 154 -6.62 -8.20 12.78
CA GLY A 154 -6.61 -9.53 13.39
C GLY A 154 -7.97 -10.23 13.20
N GLU A 155 -9.06 -9.50 13.31
CA GLU A 155 -10.37 -10.13 13.16
C GLU A 155 -10.60 -10.54 11.70
N LEU A 156 -9.79 -10.02 10.77
CA LEU A 156 -9.87 -10.35 9.35
C LEU A 156 -8.87 -11.43 8.98
N GLY A 157 -8.09 -11.94 9.92
CA GLY A 157 -7.27 -13.10 9.66
C GLY A 157 -5.78 -12.80 9.44
N PHE A 158 -5.35 -11.52 9.58
CA PHE A 158 -3.96 -11.17 9.42
C PHE A 158 -3.20 -11.37 10.74
N THR A 159 -2.00 -11.89 10.58
CA THR A 159 -1.08 -11.91 11.73
C THR A 159 -0.55 -10.49 11.99
N LYS A 160 0.04 -10.25 13.16
CA LYS A 160 0.67 -8.98 13.41
C LYS A 160 1.80 -8.78 12.41
N GLU A 161 2.58 -9.80 12.10
CA GLU A 161 3.63 -9.73 11.13
C GLU A 161 3.13 -9.19 9.77
N GLU A 162 2.06 -9.82 9.26
CA GLU A 162 1.48 -9.43 7.98
C GLU A 162 0.99 -7.99 8.07
N THR A 163 0.38 -7.61 9.18
CA THR A 163 -0.22 -6.30 9.39
C THR A 163 0.86 -5.23 9.26
N VAL A 164 1.96 -5.40 9.97
CA VAL A 164 3.05 -4.46 9.92
C VAL A 164 3.68 -4.40 8.56
N ALA A 165 3.88 -5.58 7.92
CA ALA A 165 4.49 -5.61 6.61
C ALA A 165 3.64 -4.87 5.57
N VAL A 166 2.33 -5.07 5.59
CA VAL A 166 1.47 -4.55 4.53
C VAL A 166 1.32 -3.03 4.70
N ILE A 167 1.23 -2.56 5.92
CA ILE A 167 1.14 -1.12 6.21
C ILE A 167 2.47 -0.46 5.88
N GLY A 168 3.51 -0.87 6.58
CA GLY A 168 4.80 -0.23 6.42
C GLY A 168 5.34 -0.39 5.01
N GLY A 169 5.23 -1.58 4.39
CA GLY A 169 5.69 -1.78 3.05
C GLY A 169 4.96 -0.86 2.04
N SER A 170 3.62 -0.75 2.17
CA SER A 170 2.87 0.13 1.30
C SER A 170 3.42 1.57 1.40
N HIS A 171 3.69 2.00 2.63
CA HIS A 171 4.11 3.36 2.90
C HIS A 171 5.53 3.62 2.44
N SER A 172 6.24 2.57 2.01
CA SER A 172 7.49 2.73 1.29
C SER A 172 7.32 3.36 -0.08
N VAL A 173 6.12 3.27 -0.64
CA VAL A 173 5.88 3.69 -2.01
C VAL A 173 4.58 4.52 -2.03
N ALA A 174 4.63 5.70 -1.38
CA ALA A 174 3.39 6.38 -1.02
C ALA A 174 3.64 7.79 -0.55
N GLY A 175 2.62 8.62 -0.80
CA GLY A 175 2.63 9.94 -0.20
C GLY A 175 1.26 10.35 0.33
N ALA A 176 1.24 11.45 1.07
CA ALA A 176 0.04 12.00 1.68
C ALA A 176 -0.39 13.23 0.91
N ASP A 177 -1.64 13.23 0.48
CA ASP A 177 -2.21 14.28 -0.36
C ASP A 177 -3.16 15.17 0.41
N ASP A 178 -3.65 14.77 1.56
CA ASP A 178 -4.74 15.40 2.29
C ASP A 178 -4.35 15.56 3.76
N ILE A 179 -3.08 15.52 4.08
CA ILE A 179 -2.58 15.69 5.44
C ILE A 179 -1.89 17.02 5.66
N VAL A 180 -0.93 17.35 4.82
CA VAL A 180 -0.20 18.61 4.91
C VAL A 180 -1.07 19.68 4.28
N PRO A 181 -1.49 20.72 5.03
CA PRO A 181 -2.38 21.71 4.44
C PRO A 181 -1.87 22.21 3.10
N ASN A 182 -2.76 22.15 2.11
CA ASN A 182 -2.56 22.73 0.79
C ASN A 182 -1.40 22.13 0.03
N GLU A 183 -0.89 20.97 0.45
CA GLU A 183 0.19 20.35 -0.26
C GLU A 183 -0.16 18.88 -0.55
N GLN A 184 0.26 18.41 -1.71
CA GLN A 184 -0.02 17.06 -2.15
C GLN A 184 1.29 16.33 -2.42
N GLY A 185 1.23 15.00 -2.42
CA GLY A 185 2.37 14.21 -2.83
C GLY A 185 3.53 14.21 -1.83
N ILE A 186 3.25 14.36 -0.53
CA ILE A 186 4.31 14.45 0.48
C ILE A 186 4.67 13.03 0.89
N PRO A 187 5.88 12.52 0.57
CA PRO A 187 6.15 11.10 0.82
C PRO A 187 6.25 10.73 2.30
N PHE A 188 5.96 9.48 2.59
CA PHE A 188 6.19 8.94 3.91
C PHE A 188 7.64 8.50 4.14
N ASP A 189 8.37 8.12 3.07
CA ASP A 189 9.78 7.81 3.21
C ASP A 189 10.59 8.56 2.16
N GLN A 190 11.92 8.37 2.24
CA GLN A 190 12.82 9.12 1.36
C GLN A 190 12.81 8.67 -0.09
N THR A 191 12.13 7.55 -0.38
CA THR A 191 12.21 6.90 -1.68
C THR A 191 10.81 6.39 -2.07
N PRO A 192 9.81 7.27 -2.38
CA PRO A 192 8.47 6.78 -2.68
C PRO A 192 8.36 6.01 -3.99
N SER A 193 9.42 5.99 -4.85
CA SER A 193 9.50 5.23 -6.07
C SER A 193 10.21 3.88 -5.88
N ILE A 194 10.64 3.54 -4.68
CA ILE A 194 11.46 2.35 -4.45
C ILE A 194 10.88 1.59 -3.28
N PHE A 195 10.57 0.31 -3.48
CA PHE A 195 10.02 -0.58 -2.47
C PHE A 195 11.16 -1.09 -1.60
N ASP A 196 11.67 -0.23 -0.74
CA ASP A 196 12.78 -0.53 0.15
C ASP A 196 12.31 -0.43 1.58
N THR A 197 13.27 -0.55 2.55
CA THR A 197 12.90 -0.49 3.95
C THR A 197 13.23 0.87 4.58
N GLN A 198 13.40 1.93 3.78
CA GLN A 198 13.61 3.28 4.30
C GLN A 198 12.47 3.73 5.22
N ILE A 199 11.21 3.36 4.85
CA ILE A 199 10.04 3.74 5.69
C ILE A 199 10.33 3.32 7.13
N PHE A 200 10.77 2.06 7.34
CA PHE A 200 10.95 1.51 8.69
C PHE A 200 11.99 2.33 9.47
N VAL A 201 13.08 2.67 8.83
CA VAL A 201 14.10 3.56 9.39
C VAL A 201 13.54 4.94 9.70
N ASP A 202 12.90 5.53 8.71
CA ASP A 202 12.51 6.93 8.74
C ASP A 202 11.57 7.17 9.93
N VAL A 203 10.65 6.21 10.11
CA VAL A 203 9.64 6.33 11.16
C VAL A 203 10.26 6.16 12.56
N GLN A 204 11.31 5.36 12.73
CA GLN A 204 11.89 5.05 14.02
C GLN A 204 12.74 6.20 14.58
N LEU A 205 13.11 7.13 13.70
CA LEU A 205 13.85 8.33 14.11
C LEU A 205 12.98 9.23 14.97
N ARG A 206 13.62 10.00 15.86
CA ARG A 206 12.91 10.99 16.62
C ARG A 206 12.38 12.04 15.65
N GLY A 207 11.09 12.32 15.74
CA GLY A 207 10.55 13.38 14.91
C GLY A 207 10.85 14.75 15.48
N THR A 208 11.10 15.70 14.59
CA THR A 208 11.52 17.04 14.99
C THR A 208 10.75 18.16 14.30
N MET A 209 9.94 17.85 13.28
CA MET A 209 9.35 18.92 12.48
C MET A 209 8.01 18.45 11.90
N ILE A 210 7.19 19.41 11.48
CA ILE A 210 6.00 19.20 10.68
C ILE A 210 6.17 19.92 9.37
N PRO A 211 5.87 19.29 8.21
CA PRO A 211 5.86 20.03 6.92
C PRO A 211 4.68 21.01 6.87
N GLY A 212 4.86 22.10 6.13
CA GLY A 212 3.80 23.06 5.86
C GLY A 212 3.38 23.84 7.10
N ASN A 213 2.13 24.32 7.12
CA ASN A 213 1.74 25.37 8.04
C ASN A 213 0.72 24.94 9.10
N GLY A 214 0.66 23.65 9.37
CA GLY A 214 -0.26 23.14 10.37
C GLY A 214 -0.38 21.63 10.21
N THR A 215 -1.21 21.02 11.06
CA THR A 215 -1.34 19.57 11.11
C THR A 215 -2.78 19.17 10.80
N THR A 216 -2.91 17.89 10.46
CA THR A 216 -4.18 17.21 10.40
C THR A 216 -4.23 16.16 11.51
N GLU A 217 -5.37 15.79 12.10
CA GLU A 217 -5.46 14.74 13.08
C GLU A 217 -4.93 13.43 12.46
N GLY A 218 -3.99 12.82 13.16
CA GLY A 218 -3.39 11.57 12.73
C GLY A 218 -2.02 11.81 12.10
N GLU A 219 -1.51 13.06 12.14
CA GLU A 219 -0.13 13.36 11.74
C GLU A 219 0.73 13.67 12.97
N VAL A 220 1.99 13.28 12.96
CA VAL A 220 2.95 13.54 14.03
C VAL A 220 4.19 14.11 13.36
N GLU A 221 5.17 14.52 14.16
CA GLU A 221 6.42 15.00 13.62
C GLU A 221 7.19 13.92 12.91
N THR A 222 7.93 14.36 11.87
CA THR A 222 8.80 13.55 11.07
C THR A 222 10.23 13.99 11.28
N ALA A 223 11.21 13.19 10.80
CA ALA A 223 12.63 13.48 11.01
C ALA A 223 13.33 13.94 9.73
N VAL A 224 12.69 13.80 8.56
CA VAL A 224 13.35 14.08 7.28
C VAL A 224 12.56 15.18 6.58
N PRO A 225 13.18 16.32 6.21
CA PRO A 225 12.44 17.36 5.50
C PRO A 225 11.83 16.83 4.20
N GLY A 226 10.65 17.36 3.93
CA GLY A 226 9.85 17.02 2.75
C GLY A 226 9.06 15.71 2.89
N THR A 227 9.02 15.13 4.10
CA THR A 227 8.22 13.95 4.35
C THR A 227 7.15 14.27 5.38
N VAL A 228 6.24 13.28 5.56
CA VAL A 228 5.24 13.39 6.60
C VAL A 228 5.27 12.08 7.36
N ARG A 229 4.81 12.11 8.61
CA ARG A 229 4.63 10.90 9.40
C ARG A 229 3.23 10.79 9.93
N LEU A 230 2.65 9.59 9.78
CA LEU A 230 1.35 9.28 10.36
C LEU A 230 1.56 8.85 11.80
N GLN A 231 0.58 9.18 12.65
CA GLN A 231 0.56 8.74 14.04
C GLN A 231 0.51 7.21 14.11
N SER A 232 -0.33 6.60 13.24
CA SER A 232 -0.46 5.15 13.21
C SER A 232 0.88 4.47 13.00
N ASP A 233 1.63 4.91 12.00
CA ASP A 233 2.94 4.35 11.71
C ASP A 233 3.92 4.58 12.87
N HIS A 234 3.91 5.82 13.37
CA HIS A 234 4.69 6.19 14.54
C HIS A 234 4.48 5.22 15.70
N LEU A 235 3.22 4.93 15.98
CA LEU A 235 2.85 4.10 17.10
C LEU A 235 3.14 2.63 16.82
N LEU A 236 2.93 2.17 15.59
CA LEU A 236 3.25 0.80 15.22
C LEU A 236 4.75 0.51 15.46
N ALA A 237 5.60 1.49 15.16
CA ALA A 237 7.03 1.33 15.33
C ALA A 237 7.49 1.31 16.77
N ARG A 238 6.60 1.75 17.68
CA ARG A 238 6.96 1.96 19.08
C ARG A 238 6.19 1.11 20.07
N ASP A 239 5.07 0.52 19.69
CA ASP A 239 4.23 -0.23 20.64
C ASP A 239 4.87 -1.57 20.90
N ALA A 240 4.79 -2.09 22.11
CA ALA A 240 5.41 -3.35 22.40
C ALA A 240 4.86 -4.51 21.58
N SER A 241 3.61 -4.43 21.11
CA SER A 241 3.01 -5.48 20.31
CA SER A 241 3.08 -5.55 20.35
C SER A 241 3.70 -5.65 18.96
N THR A 242 4.18 -4.52 18.39
CA THR A 242 4.59 -4.47 17.00
C THR A 242 5.99 -3.97 16.79
N SER A 243 6.63 -3.38 17.80
CA SER A 243 7.89 -2.67 17.56
C SER A 243 8.99 -3.62 17.14
N CYS A 244 9.02 -4.84 17.66
CA CYS A 244 10.04 -5.77 17.22
C CYS A 244 9.82 -6.25 15.79
N ILE A 245 8.56 -6.36 15.38
CA ILE A 245 8.26 -6.69 13.98
C ILE A 245 8.71 -5.53 13.09
N TRP A 246 8.38 -4.31 13.44
CA TRP A 246 8.79 -3.13 12.69
C TRP A 246 10.31 -3.13 12.52
N GLN A 247 11.02 -3.34 13.60
CA GLN A 247 12.48 -3.32 13.58
C GLN A 247 13.01 -4.43 12.72
N SER A 248 12.34 -5.58 12.72
CA SER A 248 12.79 -6.77 12.01
C SER A 248 12.87 -6.57 10.51
N PHE A 249 12.13 -5.61 9.96
CA PHE A 249 12.13 -5.38 8.55
C PHE A 249 13.21 -4.39 8.13
N VAL A 250 13.85 -3.69 9.07
CA VAL A 250 14.88 -2.73 8.72
C VAL A 250 16.03 -3.46 8.05
N ASN A 251 16.40 -3.04 6.85
CA ASN A 251 17.47 -3.64 6.06
C ASN A 251 17.24 -5.12 5.80
N GLN A 252 15.97 -5.52 5.74
CA GLN A 252 15.55 -6.87 5.39
C GLN A 252 14.54 -6.77 4.24
N GLN A 253 15.02 -6.29 3.10
CA GLN A 253 14.13 -5.94 1.99
C GLN A 253 13.45 -7.19 1.47
N SER A 254 14.18 -8.28 1.25
CA SER A 254 13.62 -9.49 0.68
C SER A 254 12.57 -10.10 1.61
N LYS A 255 12.86 -10.14 2.91
CA LYS A 255 11.90 -10.66 3.88
C LYS A 255 10.62 -9.81 3.93
N MET A 256 10.80 -8.49 3.97
CA MET A 256 9.66 -7.59 3.96
C MET A 256 8.82 -7.78 2.69
N ALA A 257 9.43 -7.88 1.50
CA ALA A 257 8.68 -8.07 0.27
C ALA A 257 7.92 -9.39 0.31
N GLN A 258 8.55 -10.45 0.81
CA GLN A 258 7.89 -11.75 0.78
C GLN A 258 6.64 -11.65 1.65
N VAL A 259 6.73 -11.14 2.87
CA VAL A 259 5.62 -11.08 3.79
C VAL A 259 4.56 -10.17 3.18
N PHE A 260 4.98 -8.99 2.68
CA PHE A 260 4.08 -8.05 2.02
C PHE A 260 3.27 -8.72 0.92
N GLY A 261 3.92 -9.46 0.02
CA GLY A 261 3.27 -10.16 -1.06
C GLY A 261 2.19 -11.12 -0.58
N GLU A 262 2.51 -11.89 0.46
CA GLU A 262 1.53 -12.83 0.99
C GLU A 262 0.38 -12.05 1.60
N ALA A 263 0.63 -10.93 2.30
CA ALA A 263 -0.44 -10.17 2.93
C ALA A 263 -1.33 -9.53 1.87
N ILE A 264 -0.78 -9.04 0.76
CA ILE A 264 -1.62 -8.46 -0.29
C ILE A 264 -2.55 -9.55 -0.85
N PHE A 265 -2.01 -10.75 -1.08
CA PHE A 265 -2.86 -11.80 -1.61
C PHE A 265 -4.00 -12.10 -0.64
N LYS A 266 -3.68 -12.23 0.64
CA LYS A 266 -4.73 -12.42 1.64
C LYS A 266 -5.77 -11.31 1.60
N MET A 267 -5.29 -10.09 1.50
CA MET A 267 -6.21 -8.96 1.44
C MET A 267 -7.14 -9.07 0.22
N SER A 268 -6.60 -9.54 -0.90
CA SER A 268 -7.33 -9.64 -2.15
C SER A 268 -8.49 -10.63 -2.05
N LEU A 269 -8.46 -11.48 -1.01
CA LEU A 269 -9.48 -12.52 -0.83
C LEU A 269 -10.55 -12.13 0.18
N LEU A 270 -10.45 -10.98 0.83
CA LEU A 270 -11.38 -10.65 1.88
C LEU A 270 -12.78 -10.60 1.30
N GLY A 271 -13.70 -11.28 2.00
CA GLY A 271 -15.09 -11.36 1.60
C GLY A 271 -15.40 -12.44 0.55
N GLN A 272 -14.39 -13.18 0.13
CA GLN A 272 -14.53 -14.05 -1.02
C GLN A 272 -14.50 -15.49 -0.54
N THR A 273 -14.70 -16.42 -1.46
CA THR A 273 -14.56 -17.81 -1.11
C THR A 273 -13.55 -18.38 -2.11
N GLN A 274 -12.40 -18.82 -1.61
CA GLN A 274 -11.28 -19.09 -2.50
C GLN A 274 -11.67 -20.18 -3.50
N SER A 275 -12.71 -20.98 -3.17
CA SER A 275 -13.15 -22.11 -3.99
C SER A 275 -13.70 -21.69 -5.35
N LYS A 276 -14.33 -20.51 -5.43
CA LYS A 276 -15.04 -20.04 -6.62
C LYS A 276 -14.14 -19.17 -7.51
N LEU A 277 -12.87 -19.10 -7.16
CA LEU A 277 -11.97 -18.17 -7.81
C LEU A 277 -11.07 -18.98 -8.74
N ILE A 278 -10.48 -18.32 -9.73
CA ILE A 278 -9.64 -18.96 -10.73
C ILE A 278 -8.29 -18.27 -10.68
N ASP A 279 -7.20 -19.00 -10.58
CA ASP A 279 -5.88 -18.38 -10.62
C ASP A 279 -5.52 -17.88 -12.01
N CYS A 280 -5.06 -16.63 -12.09
CA CYS A 280 -4.61 -16.00 -13.31
C CYS A 280 -3.28 -15.31 -13.04
N SER A 281 -2.41 -15.92 -12.25
CA SER A 281 -1.20 -15.29 -11.80
C SER A 281 -0.24 -15.02 -12.96
N GLU A 282 -0.35 -15.79 -14.04
CA GLU A 282 0.55 -15.67 -15.18
C GLU A 282 0.37 -14.33 -15.89
N VAL A 283 -0.72 -13.62 -15.64
CA VAL A 283 -0.96 -12.37 -16.38
C VAL A 283 -0.23 -11.20 -15.71
N ILE A 284 0.29 -11.38 -14.52
CA ILE A 284 0.98 -10.31 -13.82
C ILE A 284 2.35 -10.09 -14.46
N PRO A 285 2.80 -8.85 -14.73
CA PRO A 285 4.15 -8.66 -15.26
C PRO A 285 5.19 -9.22 -14.31
N ARG A 286 6.40 -9.41 -14.84
CA ARG A 286 7.47 -9.79 -13.95
C ARG A 286 7.90 -8.59 -13.09
N ALA A 287 8.44 -8.91 -11.93
CA ALA A 287 8.85 -7.92 -10.94
C ALA A 287 10.12 -7.25 -11.38
N ILE A 288 10.37 -6.05 -10.88
CA ILE A 288 11.64 -5.36 -11.01
C ILE A 288 12.49 -5.74 -9.82
N PRO A 289 13.66 -6.40 -10.00
CA PRO A 289 14.49 -6.80 -8.87
C PRO A 289 15.02 -5.63 -8.07
N PHE A 290 15.04 -5.80 -6.75
CA PHE A 290 15.55 -4.77 -5.88
C PHE A 290 16.99 -4.49 -6.26
N SER A 291 17.33 -3.25 -6.58
CA SER A 291 18.66 -2.97 -7.11
C SER A 291 19.33 -1.86 -6.34
N HIS A 292 18.91 -1.63 -5.10
CA HIS A 292 19.60 -0.69 -4.26
C HIS A 292 20.34 -1.46 -3.17
N GLY A 293 21.22 -0.74 -2.52
CA GLY A 293 22.03 -1.30 -1.46
C GLY A 293 21.29 -1.36 -0.13
N PRO A 294 22.06 -1.56 0.95
CA PRO A 294 21.52 -1.62 2.31
C PRO A 294 20.71 -0.39 2.64
N ALA A 295 19.83 -0.58 3.62
CA ALA A 295 19.21 0.55 4.26
C ALA A 295 20.25 1.43 4.96
N THR A 296 19.95 2.73 5.02
CA THR A 296 20.83 3.70 5.65
C THR A 296 20.01 4.66 6.52
N LEU A 297 20.69 5.33 7.45
CA LEU A 297 20.11 6.50 8.11
C LEU A 297 20.09 7.67 7.12
N PRO A 298 19.09 8.58 7.18
CA PRO A 298 19.11 9.77 6.35
C PRO A 298 20.31 10.67 6.64
N PRO A 299 20.67 11.53 5.67
CA PRO A 299 21.82 12.44 5.85
C PRO A 299 21.68 13.21 7.14
N GLY A 300 22.79 13.30 7.90
CA GLY A 300 22.80 14.08 9.13
C GLY A 300 22.26 13.35 10.37
N GLN A 301 21.68 12.15 10.16
CA GLN A 301 21.12 11.44 11.30
C GLN A 301 22.14 10.42 11.79
N THR A 302 22.11 10.12 13.09
CA THR A 302 22.96 9.05 13.59
C THR A 302 22.11 8.08 14.41
N LEU A 303 22.73 7.00 14.88
CA LEU A 303 22.02 5.99 15.65
C LEU A 303 21.49 6.58 16.95
N LYS A 304 22.03 7.71 17.45
CA LYS A 304 21.50 8.33 18.65
C LYS A 304 20.14 9.00 18.39
N ASP A 305 19.80 9.22 17.12
CA ASP A 305 18.50 9.78 16.73
C ASP A 305 17.40 8.72 16.65
N ILE A 306 17.75 7.45 16.75
CA ILE A 306 16.74 6.38 16.72
C ILE A 306 16.08 6.27 18.07
N GLU A 307 14.76 6.14 18.12
CA GLU A 307 14.05 5.90 19.36
C GLU A 307 13.92 4.40 19.52
N GLN A 308 14.75 3.75 20.33
CA GLN A 308 14.70 2.30 20.49
C GLN A 308 13.37 1.96 21.13
N ALA A 309 12.67 0.99 20.56
CA ALA A 309 11.41 0.54 21.11
C ALA A 309 11.36 -0.97 21.27
N CYS A 310 12.05 -1.73 20.42
CA CYS A 310 12.11 -3.17 20.54
C CYS A 310 13.02 -3.55 21.69
N ALA A 311 12.52 -4.30 22.66
CA ALA A 311 13.32 -4.65 23.82
C ALA A 311 14.22 -5.86 23.57
N ALA A 312 13.91 -6.67 22.56
CA ALA A 312 14.57 -7.95 22.38
C ALA A 312 15.94 -7.82 21.71
N SER A 313 16.14 -6.79 20.89
CA SER A 313 17.33 -6.61 20.05
C SER A 313 17.55 -5.13 19.85
N PRO A 314 18.80 -4.62 19.76
CA PRO A 314 19.02 -3.23 19.38
C PRO A 314 18.74 -3.02 17.90
N PHE A 315 18.44 -1.77 17.59
CA PHE A 315 18.19 -1.35 16.24
C PHE A 315 19.48 -1.65 15.47
N PRO A 316 19.40 -2.11 14.21
CA PRO A 316 20.58 -2.42 13.40
C PRO A 316 21.53 -1.24 13.28
N THR A 317 22.84 -1.53 13.27
CA THR A 317 23.86 -0.50 13.13
C THR A 317 24.04 -0.16 11.65
N LEU A 318 23.22 0.79 11.17
CA LEU A 318 23.24 1.27 9.81
C LEU A 318 24.25 2.40 9.69
N SER A 319 24.78 2.50 8.49
CA SER A 319 25.57 3.67 8.15
C SER A 319 24.64 4.84 7.83
N THR A 320 25.20 6.05 7.84
CA THR A 320 24.47 7.27 7.53
C THR A 320 24.76 7.57 6.07
N GLN A 321 23.72 7.88 5.28
CA GLN A 321 23.89 8.31 3.89
C GLN A 321 24.74 9.57 3.89
N PRO A 322 25.75 9.67 2.99
CA PRO A 322 26.67 10.82 3.05
C PRO A 322 25.93 12.05 2.53
N GLY A 323 26.48 13.21 2.83
CA GLY A 323 26.01 14.43 2.19
C GLY A 323 25.22 15.31 3.15
N PRO A 324 24.82 16.51 2.67
CA PRO A 324 24.03 17.46 3.43
C PRO A 324 22.59 16.97 3.57
N VAL A 325 21.91 17.54 4.54
CA VAL A 325 20.47 17.37 4.66
C VAL A 325 19.83 18.01 3.45
N THR A 326 18.93 17.24 2.83
CA THR A 326 18.17 17.67 1.67
C THR A 326 16.71 17.32 1.92
N SER A 327 15.83 18.06 1.26
CA SER A 327 14.39 17.83 1.33
C SER A 327 14.05 16.79 0.27
N VAL A 328 13.14 15.88 0.63
CA VAL A 328 12.64 14.88 -0.29
C VAL A 328 11.67 15.52 -1.27
N PRO A 329 11.85 15.33 -2.59
CA PRO A 329 10.94 15.89 -3.58
C PRO A 329 9.53 15.35 -3.37
N ALA A 330 8.56 16.20 -3.65
CA ALA A 330 7.17 15.83 -3.65
C ALA A 330 6.85 15.03 -4.91
N ILE A 331 5.78 14.22 -4.82
CA ILE A 331 5.34 13.31 -5.87
C ILE A 331 4.36 14.05 -6.76
N PRO A 332 4.65 14.21 -8.06
CA PRO A 332 3.67 14.86 -8.97
C PRO A 332 2.41 13.99 -9.00
N GLN A 333 1.25 14.62 -9.00
CA GLN A 333 0.00 13.90 -8.91
C GLN A 333 -0.52 13.54 -10.30
N ALA A 334 -1.19 12.40 -10.40
CA ALA A 334 -1.77 11.92 -11.65
C ALA A 334 -3.04 12.70 -12.02
N ASP A 335 -3.77 13.18 -11.01
CA ASP A 335 -5.01 13.96 -11.13
C ASP A 335 -4.72 15.37 -10.60
MN MN B . -1.53 10.75 -4.66
CHA HEM C . -1.63 6.77 1.87
CHB HEM C . -3.27 5.69 6.29
CHC HEM C . -2.65 0.99 5.39
CHD HEM C . -1.45 2.08 0.85
C1A HEM C . -2.20 6.90 3.14
C2A HEM C . -2.60 8.11 3.77
C3A HEM C . -3.07 7.84 4.99
C4A HEM C . -2.97 6.40 5.16
CMA HEM C . -3.70 8.78 6.03
CAA HEM C . -2.68 9.47 3.13
CBA HEM C . -4.08 9.67 2.42
CGA HEM C . -4.36 11.04 1.96
O1A HEM C . -3.71 12.03 2.41
O2A HEM C . -5.27 11.17 1.04
C1B HEM C . -3.22 4.30 6.50
C2B HEM C . -3.61 3.64 7.72
C3B HEM C . -3.39 2.30 7.46
C4B HEM C . -2.85 2.21 6.09
CMB HEM C . -4.18 4.24 8.94
CAB HEM C . -3.60 1.12 8.31
CBB HEM C . -3.70 1.08 9.68
C1C HEM C . -2.30 0.82 4.04
C2C HEM C . -2.34 -0.40 3.30
C3C HEM C . -2.07 -0.14 2.01
C4C HEM C . -1.85 1.34 1.94
CMC HEM C . -2.52 -1.76 3.90
CAC HEM C . -2.04 -1.00 0.81
CBC HEM C . -2.47 -2.23 0.74
C1D HEM C . -1.25 3.44 0.77
C2D HEM C . -0.71 4.08 -0.42
C3D HEM C . -0.78 5.39 -0.09
C4D HEM C . -1.41 5.53 1.22
CMD HEM C . -0.15 3.46 -1.59
CAD HEM C . -0.34 6.55 -0.98
CBD HEM C . -1.35 7.15 -1.93
CGD HEM C . -0.80 8.30 -2.81
O1D HEM C . 0.41 8.48 -2.87
O2D HEM C . -1.66 8.95 -3.44
NA HEM C . -2.41 5.86 4.04
NB HEM C . -2.79 3.49 5.52
NC HEM C . -2.11 1.91 3.17
ND HEM C . -1.66 4.29 1.74
FE HEM C . -1.93 3.86 3.71
C1 PEG D . -3.32 -27.05 -16.22
O1 PEG D . -2.52 -28.10 -15.70
C2 PEG D . -2.84 -26.54 -17.56
O2 PEG D . -1.72 -25.69 -17.41
C3 PEG D . -0.87 -25.63 -18.54
C4 PEG D . -0.34 -24.26 -18.71
O4 PEG D . 0.34 -23.77 -17.57
C1 PEG E . 3.81 -11.19 -18.94
O1 PEG E . 4.50 -12.02 -18.05
C2 PEG E . 2.40 -10.93 -18.50
O2 PEG E . 1.63 -10.58 -19.64
C3 PEG E . 1.22 -9.20 -19.67
C4 PEG E . 1.86 -8.51 -20.83
O4 PEG E . 1.79 -7.10 -20.73
C1 PEG F . -17.35 -13.37 6.17
O1 PEG F . -17.43 -14.06 4.95
C2 PEG F . -16.26 -12.37 6.17
O2 PEG F . -15.96 -11.96 7.50
C3 PEG F . -14.59 -11.62 7.70
C4 PEG F . -13.74 -12.86 7.82
O4 PEG F . -12.48 -12.72 7.19
C1 GOL G . -10.28 -23.94 -21.36
O1 GOL G . -10.72 -25.27 -21.56
C2 GOL G . -8.78 -23.83 -21.51
O2 GOL G . -8.20 -23.47 -20.24
C3 GOL G . -8.39 -22.89 -22.61
O3 GOL G . -9.50 -22.62 -23.47
CA CA H . -15.16 -3.05 -0.73
CA CA I . 10.63 3.69 -0.25
#